data_6Q0C
#
_entry.id   6Q0C
#
_cell.length_a   37.860
_cell.length_b   86.140
_cell.length_c   141.170
_cell.angle_alpha   90.000
_cell.angle_beta   90.000
_cell.angle_gamma   90.000
#
_symmetry.space_group_name_H-M   'P 21 21 21'
#
loop_
_entity.id
_entity.type
_entity.pdbx_description
1 polymer 'A/G-specific adenine glycosylase'
2 polymer "DNA (5'-D(*AP*AP*GP*AP*CP*GP*TP*GP*GP*AP*C)-3')"
3 polymer "DNA (5'-D(P*GP*TP*CP*CP*AP*(NR1)P*GP*TP*CP*T)-3')"
4 non-polymer 'IRON/SULFUR CLUSTER'
5 non-polymer 'CALCIUM ION'
6 non-polymer 1,2-ETHANEDIOL
7 water water
#
loop_
_entity_poly.entity_id
_entity_poly.type
_entity_poly.pdbx_seq_one_letter_code
_entity_poly.pdbx_strand_id
1 'polypeptide(L)'
;MTRETERFPAREFQRDLLDWFARERRDLPWRKDRDPYKVWVSEVMLQQTRVETVIPYFEQFIDRFPTLEALADADEDEVL
KAWEGLGYYSRVRNLHAAVKEVKTRYGGKVPDDPDEFSRLKGVGPYTVGAVLSLAYGVPEPAVDGNVMRVLSRLFLVTDD
IAKPSTRKRFEQIVREIMAYENPGAFNEALIELGALVCTPRRPSCLLCPVQAYCQAFAEGVAEELPVKMKKTAVKQVPLA
VAVLADDEGRVLIRKRDSTGLLANLWEFPSCETDGADGKEKLEQMVGEQYGLQVELTEPIVSFEHAFSHLVWQLTVFPGR
LVHGGPVEEPYRLAPEDELKAYAFPVSHQRVWREYKEWASGVRPPP
;
A
2 'polydeoxyribonucleotide' (DA)(DA)(DG)(DA)(DC)(DG)(DT)(DG)(DG)(DA)(DC) B
3 'polydeoxyribonucleotide' (DT)(DG)(DT)(DC)(DC)(DA)(NR1)(DG)(DT)(DC)(DT) C
#
# COMPACT_ATOMS: atom_id res chain seq x y z
N GLU A 6 -29.89 -23.23 4.56
CA GLU A 6 -28.46 -23.14 4.27
C GLU A 6 -27.69 -24.25 4.99
N ARG A 7 -27.92 -25.49 4.59
CA ARG A 7 -27.22 -26.64 5.17
C ARG A 7 -25.78 -26.63 4.66
N PHE A 8 -24.95 -25.80 5.30
CA PHE A 8 -23.54 -25.73 4.95
C PHE A 8 -22.73 -26.46 5.99
N PRO A 9 -22.00 -27.53 5.62
CA PRO A 9 -21.25 -28.30 6.61
C PRO A 9 -19.99 -27.56 7.04
N ALA A 10 -20.15 -26.59 7.95
CA ALA A 10 -19.02 -25.74 8.33
C ALA A 10 -17.80 -26.57 8.72
N ARG A 11 -17.98 -27.54 9.61
CA ARG A 11 -16.85 -28.30 10.12
C ARG A 11 -16.17 -29.10 9.01
N GLU A 12 -16.96 -29.80 8.20
CA GLU A 12 -16.39 -30.54 7.08
C GLU A 12 -15.58 -29.61 6.19
N PHE A 13 -16.19 -28.50 5.76
CA PHE A 13 -15.49 -27.50 4.97
C PHE A 13 -14.18 -27.08 5.63
N GLN A 14 -14.23 -26.78 6.93
CA GLN A 14 -13.03 -26.37 7.66
C GLN A 14 -11.90 -27.38 7.50
N ARG A 15 -12.14 -28.63 7.91
CA ARG A 15 -11.08 -29.62 7.96
C ARG A 15 -10.32 -29.71 6.65
N ASP A 16 -11.05 -29.70 5.53
CA ASP A 16 -10.40 -29.78 4.22
C ASP A 16 -9.52 -28.57 3.97
N LEU A 17 -10.11 -27.36 4.03
CA LEU A 17 -9.35 -26.14 3.78
C LEU A 17 -8.09 -26.08 4.61
N LEU A 18 -8.22 -26.32 5.92
CA LEU A 18 -7.06 -26.27 6.80
C LEU A 18 -6.03 -27.33 6.44
N ASP A 19 -6.47 -28.46 5.91
CA ASP A 19 -5.52 -29.48 5.44
C ASP A 19 -4.73 -28.98 4.25
N TRP A 20 -5.43 -28.52 3.21
CA TRP A 20 -4.75 -28.00 2.02
C TRP A 20 -3.79 -26.88 2.38
N PHE A 21 -4.14 -26.06 3.37
CA PHE A 21 -3.26 -24.96 3.75
C PHE A 21 -1.95 -25.47 4.32
N ALA A 22 -2.00 -26.48 5.19
CA ALA A 22 -0.78 -27.02 5.76
C ALA A 22 0.15 -27.60 4.69
N ARG A 23 -0.41 -28.03 3.56
CA ARG A 23 0.39 -28.63 2.49
C ARG A 23 0.99 -27.59 1.54
N GLU A 24 0.25 -26.54 1.22
CA GLU A 24 0.61 -25.65 0.12
C GLU A 24 1.01 -24.24 0.56
N ARG A 25 0.98 -23.94 1.86
CA ARG A 25 1.24 -22.57 2.29
C ARG A 25 2.64 -22.12 1.89
N ARG A 26 2.73 -20.92 1.32
CA ARG A 26 4.02 -20.34 0.98
C ARG A 26 4.76 -19.94 2.26
N ASP A 27 6.05 -20.24 2.31
CA ASP A 27 6.90 -19.85 3.44
C ASP A 27 7.31 -18.39 3.23
N LEU A 28 6.49 -17.48 3.74
CA LEU A 28 6.72 -16.05 3.58
C LEU A 28 7.39 -15.47 4.82
N PRO A 29 8.13 -14.37 4.67
CA PRO A 29 8.92 -13.86 5.81
C PRO A 29 8.09 -13.55 7.04
N TRP A 30 6.93 -12.90 6.87
CA TRP A 30 6.11 -12.54 8.02
C TRP A 30 5.39 -13.73 8.64
N ARG A 31 5.49 -14.91 8.04
CA ARG A 31 4.92 -16.13 8.61
C ARG A 31 5.95 -16.94 9.37
N LYS A 32 7.13 -16.38 9.63
CA LYS A 32 8.11 -17.05 10.47
C LYS A 32 7.62 -17.19 11.91
N ASP A 33 6.86 -16.22 12.39
CA ASP A 33 6.31 -16.26 13.74
C ASP A 33 4.99 -15.48 13.73
N ARG A 34 4.44 -15.24 14.92
CA ARG A 34 3.19 -14.51 15.08
C ARG A 34 3.36 -13.25 15.93
N ASP A 35 4.52 -12.63 15.86
CA ASP A 35 4.72 -11.38 16.57
C ASP A 35 3.71 -10.35 16.08
N PRO A 36 2.81 -9.87 16.95
CA PRO A 36 1.81 -8.89 16.48
C PRO A 36 2.41 -7.73 15.70
N TYR A 37 3.55 -7.22 16.14
CA TYR A 37 4.19 -6.11 15.43
C TYR A 37 4.49 -6.48 13.99
N LYS A 38 5.16 -7.61 13.78
CA LYS A 38 5.55 -8.01 12.42
C LYS A 38 4.33 -8.30 11.56
N VAL A 39 3.36 -9.05 12.10
CA VAL A 39 2.13 -9.31 11.38
C VAL A 39 1.48 -7.98 10.98
N TRP A 40 1.36 -7.07 11.93
CA TRP A 40 0.74 -5.77 11.66
C TRP A 40 1.46 -5.05 10.53
N VAL A 41 2.79 -5.01 10.58
CA VAL A 41 3.54 -4.34 9.53
C VAL A 41 3.27 -4.98 8.18
N SER A 42 3.30 -6.31 8.12
CA SER A 42 3.10 -6.99 6.85
C SER A 42 1.70 -6.74 6.31
N GLU A 43 0.69 -6.74 7.18
CA GLU A 43 -0.69 -6.55 6.71
C GLU A 43 -0.91 -5.15 6.18
N VAL A 44 -0.26 -4.14 6.77
CA VAL A 44 -0.34 -2.79 6.23
C VAL A 44 0.34 -2.72 4.88
N MET A 45 1.55 -3.29 4.78
CA MET A 45 2.26 -3.32 3.50
C MET A 45 1.44 -4.03 2.43
N LEU A 46 0.67 -5.05 2.82
CA LEU A 46 -0.05 -5.87 1.87
C LEU A 46 -1.35 -5.24 1.38
N GLN A 47 -1.77 -4.12 1.97
CA GLN A 47 -2.99 -3.45 1.51
C GLN A 47 -2.82 -2.95 0.08
N GLN A 48 -3.58 -3.53 -0.85
CA GLN A 48 -3.53 -3.14 -2.26
C GLN A 48 -2.12 -3.27 -2.82
N THR A 49 -1.39 -4.30 -2.35
CA THR A 49 -0.01 -4.51 -2.77
C THR A 49 0.28 -6.00 -2.75
N ARG A 50 0.81 -6.51 -3.86
CA ARG A 50 1.00 -7.94 -4.01
C ARG A 50 2.15 -8.45 -3.14
N VAL A 51 2.06 -9.74 -2.79
CA VAL A 51 3.03 -10.34 -1.87
C VAL A 51 4.45 -10.20 -2.40
N GLU A 52 4.67 -10.61 -3.65
CA GLU A 52 6.02 -10.58 -4.21
C GLU A 52 6.59 -9.17 -4.19
N THR A 53 5.74 -8.16 -4.32
CA THR A 53 6.19 -6.78 -4.22
C THR A 53 6.60 -6.44 -2.79
N VAL A 54 5.88 -6.97 -1.80
CA VAL A 54 6.07 -6.56 -0.42
C VAL A 54 7.32 -7.18 0.20
N ILE A 55 7.71 -8.38 -0.26
CA ILE A 55 8.74 -9.18 0.42
C ILE A 55 10.00 -8.36 0.70
N PRO A 56 10.65 -7.77 -0.31
CA PRO A 56 11.89 -7.03 -0.01
C PRO A 56 11.66 -5.81 0.87
N TYR A 57 10.52 -5.11 0.71
CA TYR A 57 10.23 -3.99 1.59
C TYR A 57 10.12 -4.44 3.04
N PHE A 58 9.43 -5.56 3.28
CA PHE A 58 9.26 -6.06 4.64
C PHE A 58 10.59 -6.44 5.27
N GLU A 59 11.51 -6.99 4.46
CA GLU A 59 12.81 -7.42 4.99
CA GLU A 59 12.81 -7.42 4.99
C GLU A 59 13.63 -6.22 5.43
N GLN A 60 13.75 -5.20 4.58
CA GLN A 60 14.49 -4.00 4.97
C GLN A 60 13.82 -3.31 6.14
N PHE A 61 12.50 -3.15 6.07
CA PHE A 61 11.76 -2.42 7.11
C PHE A 61 11.99 -3.05 8.48
N ILE A 62 11.85 -4.37 8.57
CA ILE A 62 12.01 -5.04 9.86
C ILE A 62 13.47 -5.04 10.28
N ASP A 63 14.41 -5.08 9.32
CA ASP A 63 15.82 -4.94 9.67
C ASP A 63 16.08 -3.56 10.27
N ARG A 64 15.49 -2.52 9.68
CA ARG A 64 15.68 -1.17 10.20
C ARG A 64 14.92 -0.96 11.51
N PHE A 65 13.72 -1.53 11.61
CA PHE A 65 12.84 -1.34 12.76
C PHE A 65 12.46 -2.72 13.31
N PRO A 66 13.36 -3.36 14.06
CA PRO A 66 13.10 -4.74 14.48
C PRO A 66 11.96 -4.90 15.46
N THR A 67 11.60 -3.85 16.20
CA THR A 67 10.55 -3.92 17.21
C THR A 67 9.61 -2.75 17.04
N LEU A 68 8.50 -2.79 17.79
CA LEU A 68 7.53 -1.71 17.75
C LEU A 68 8.14 -0.42 18.29
N GLU A 69 8.91 -0.51 19.38
CA GLU A 69 9.52 0.67 19.96
C GLU A 69 10.47 1.35 18.98
N ALA A 70 11.32 0.56 18.30
CA ALA A 70 12.25 1.13 17.35
C ALA A 70 11.52 1.91 16.26
N LEU A 71 10.38 1.40 15.81
CA LEU A 71 9.60 2.15 14.82
C LEU A 71 9.02 3.41 15.43
N ALA A 72 8.47 3.31 16.65
CA ALA A 72 7.96 4.51 17.32
C ALA A 72 9.06 5.55 17.50
N ASP A 73 10.26 5.11 17.87
CA ASP A 73 11.35 6.04 18.15
C ASP A 73 11.89 6.70 16.90
N ALA A 74 11.73 6.09 15.73
CA ALA A 74 12.40 6.58 14.53
C ALA A 74 11.75 7.88 14.04
N ASP A 75 12.48 8.59 13.18
CA ASP A 75 12.00 9.87 12.66
C ASP A 75 11.12 9.63 11.46
N GLU A 76 10.20 10.59 11.24
CA GLU A 76 9.27 10.49 10.13
C GLU A 76 9.99 10.29 8.80
N ASP A 77 11.05 11.07 8.53
CA ASP A 77 11.80 10.90 7.27
CA ASP A 77 11.79 10.91 7.28
C ASP A 77 12.31 9.48 7.11
N GLU A 78 12.99 8.98 8.16
CA GLU A 78 13.61 7.68 8.11
C GLU A 78 12.59 6.57 7.86
N VAL A 79 11.40 6.69 8.44
CA VAL A 79 10.35 5.71 8.19
C VAL A 79 9.81 5.84 6.77
N LEU A 80 9.54 7.08 6.35
CA LEU A 80 8.99 7.30 5.02
C LEU A 80 9.98 6.93 3.92
N LYS A 81 11.28 7.10 4.17
CA LYS A 81 12.28 6.62 3.22
C LYS A 81 12.15 5.10 3.05
N ALA A 82 11.98 4.38 4.15
CA ALA A 82 11.80 2.94 4.10
C ALA A 82 10.57 2.51 3.32
N TRP A 83 9.56 3.38 3.17
CA TRP A 83 8.34 3.08 2.43
C TRP A 83 8.41 3.53 0.98
N GLU A 84 9.55 4.04 0.53
CA GLU A 84 9.65 4.69 -0.78
C GLU A 84 9.41 3.68 -1.89
N GLY A 85 8.44 3.98 -2.77
CA GLY A 85 8.11 3.13 -3.89
C GLY A 85 6.94 2.20 -3.65
N LEU A 86 6.50 2.04 -2.41
CA LEU A 86 5.42 1.10 -2.11
C LEU A 86 4.06 1.63 -2.51
N GLY A 87 3.86 2.95 -2.48
CA GLY A 87 2.58 3.54 -2.83
C GLY A 87 1.65 3.68 -1.63
N TYR A 88 0.56 4.42 -1.86
CA TYR A 88 -0.40 4.75 -0.82
C TYR A 88 0.32 5.06 0.48
N TYR A 89 1.00 6.21 0.52
CA TYR A 89 1.97 6.52 1.57
C TYR A 89 1.33 6.95 2.88
N SER A 90 0.03 7.29 2.90
CA SER A 90 -0.62 7.54 4.19
CA SER A 90 -0.62 7.54 4.18
C SER A 90 -0.75 6.27 5.02
N ARG A 91 -0.49 5.11 4.43
CA ARG A 91 -0.46 3.86 5.20
C ARG A 91 0.64 3.90 6.25
N VAL A 92 1.82 4.40 5.88
CA VAL A 92 2.95 4.42 6.81
C VAL A 92 2.84 5.61 7.76
N ARG A 93 2.27 6.72 7.28
CA ARG A 93 1.95 7.83 8.17
C ARG A 93 1.04 7.35 9.31
N ASN A 94 0.00 6.58 8.95
CA ASN A 94 -0.93 6.08 9.97
C ASN A 94 -0.30 4.99 10.84
N LEU A 95 0.51 4.12 10.23
CA LEU A 95 1.14 3.05 11.01
C LEU A 95 2.13 3.63 12.02
N HIS A 96 2.95 4.59 11.59
CA HIS A 96 3.89 5.24 12.49
C HIS A 96 3.15 5.87 13.67
N ALA A 97 2.09 6.63 13.38
CA ALA A 97 1.33 7.26 14.44
C ALA A 97 0.64 6.24 15.32
N ALA A 98 0.05 5.21 14.73
CA ALA A 98 -0.59 4.16 15.53
C ALA A 98 0.42 3.49 16.45
N VAL A 99 1.64 3.27 15.97
CA VAL A 99 2.66 2.65 16.80
C VAL A 99 3.09 3.60 17.92
N LYS A 100 3.35 4.87 17.56
CA LYS A 100 3.60 5.87 18.60
C LYS A 100 2.51 5.85 19.65
N GLU A 101 1.25 5.80 19.20
CA GLU A 101 0.12 5.71 20.13
C GLU A 101 0.24 4.46 20.99
N VAL A 102 0.53 3.31 20.37
CA VAL A 102 0.65 2.07 21.12
C VAL A 102 1.75 2.18 22.18
N LYS A 103 2.87 2.80 21.82
CA LYS A 103 3.97 2.97 22.77
C LYS A 103 3.54 3.82 23.95
N THR A 104 3.10 5.05 23.67
CA THR A 104 2.78 5.98 24.75
C THR A 104 1.55 5.54 25.52
N ARG A 105 0.48 5.16 24.82
CA ARG A 105 -0.76 4.80 25.51
C ARG A 105 -0.69 3.40 26.12
N TYR A 106 -0.35 2.39 25.31
CA TYR A 106 -0.47 1.00 25.73
C TYR A 106 0.85 0.38 26.16
N GLY A 107 1.89 1.18 26.36
CA GLY A 107 3.16 0.65 26.84
C GLY A 107 3.77 -0.42 25.96
N GLY A 108 3.56 -0.33 24.65
CA GLY A 108 4.26 -1.16 23.69
C GLY A 108 3.51 -2.38 23.22
N LYS A 109 2.53 -2.87 23.99
CA LYS A 109 1.79 -4.05 23.58
C LYS A 109 0.68 -3.67 22.62
N VAL A 110 0.57 -4.42 21.53
CA VAL A 110 -0.50 -4.22 20.56
C VAL A 110 -1.82 -4.59 21.22
N PRO A 111 -2.78 -3.68 21.36
CA PRO A 111 -4.06 -4.04 21.98
C PRO A 111 -4.67 -5.27 21.31
N ASP A 112 -5.11 -6.21 22.13
CA ASP A 112 -5.71 -7.45 21.65
C ASP A 112 -7.23 -7.38 21.56
N ASP A 113 -7.83 -6.23 21.88
CA ASP A 113 -9.28 -6.09 21.78
C ASP A 113 -9.65 -5.47 20.45
N PRO A 114 -10.58 -6.06 19.69
CA PRO A 114 -10.94 -5.46 18.38
C PRO A 114 -11.24 -3.98 18.43
N ASP A 115 -12.06 -3.53 19.38
CA ASP A 115 -12.47 -2.13 19.39
C ASP A 115 -11.31 -1.21 19.75
N GLU A 116 -10.40 -1.66 20.61
CA GLU A 116 -9.24 -0.85 20.95
C GLU A 116 -8.24 -0.82 19.79
N PHE A 117 -8.02 -1.97 19.15
CA PHE A 117 -7.10 -2.03 18.02
C PHE A 117 -7.66 -1.27 16.83
N SER A 118 -8.96 -1.42 16.56
CA SER A 118 -9.57 -0.73 15.42
C SER A 118 -9.48 0.78 15.56
N ARG A 119 -9.41 1.29 16.79
CA ARG A 119 -9.37 2.73 17.00
C ARG A 119 -8.09 3.35 16.47
N LEU A 120 -7.05 2.55 16.25
CA LEU A 120 -5.78 3.07 15.78
C LEU A 120 -5.86 3.47 14.31
N LYS A 121 -5.05 4.46 13.94
CA LYS A 121 -5.06 4.96 12.58
C LYS A 121 -4.58 3.89 11.59
N GLY A 122 -5.26 3.81 10.45
CA GLY A 122 -4.90 2.89 9.40
C GLY A 122 -5.43 1.48 9.58
N VAL A 123 -5.96 1.15 10.75
CA VAL A 123 -6.44 -0.19 11.04
C VAL A 123 -7.93 -0.25 10.67
N GLY A 124 -8.22 -0.83 9.52
CA GLY A 124 -9.59 -1.01 9.07
C GLY A 124 -10.11 -2.38 9.43
N PRO A 125 -11.27 -2.75 8.88
CA PRO A 125 -11.85 -4.06 9.23
C PRO A 125 -10.93 -5.22 8.93
N TYR A 126 -10.34 -5.25 7.74
CA TYR A 126 -9.49 -6.38 7.38
C TYR A 126 -8.31 -6.51 8.33
N THR A 127 -7.58 -5.41 8.56
CA THR A 127 -6.38 -5.48 9.37
C THR A 127 -6.70 -5.93 10.79
N VAL A 128 -7.83 -5.51 11.34
CA VAL A 128 -8.25 -5.98 12.66
C VAL A 128 -8.29 -7.50 12.69
N GLY A 129 -9.08 -8.08 11.79
CA GLY A 129 -9.18 -9.53 11.74
C GLY A 129 -7.84 -10.20 11.44
N ALA A 130 -7.09 -9.64 10.50
CA ALA A 130 -5.82 -10.25 10.12
C ALA A 130 -4.85 -10.29 11.29
N VAL A 131 -4.62 -9.13 11.93
CA VAL A 131 -3.61 -9.05 12.97
C VAL A 131 -4.07 -9.81 14.22
N LEU A 132 -5.31 -9.55 14.66
CA LEU A 132 -5.75 -10.09 15.95
C LEU A 132 -5.92 -11.61 15.90
N SER A 133 -6.47 -12.14 14.81
CA SER A 133 -6.63 -13.58 14.71
C SER A 133 -5.27 -14.27 14.60
N LEU A 134 -4.47 -13.88 13.61
CA LEU A 134 -3.19 -14.53 13.38
C LEU A 134 -2.30 -14.47 14.63
N ALA A 135 -2.26 -13.32 15.29
CA ALA A 135 -1.28 -13.09 16.35
C ALA A 135 -1.83 -13.28 17.76
N TYR A 136 -3.15 -13.31 17.93
CA TYR A 136 -3.74 -13.40 19.27
C TYR A 136 -4.81 -14.47 19.43
N GLY A 137 -5.29 -15.08 18.35
CA GLY A 137 -6.36 -16.05 18.44
C GLY A 137 -7.76 -15.47 18.40
N VAL A 138 -7.89 -14.14 18.40
CA VAL A 138 -9.19 -13.49 18.40
C VAL A 138 -9.94 -13.87 17.12
N PRO A 139 -11.15 -14.42 17.19
CA PRO A 139 -11.82 -14.89 15.96
C PRO A 139 -12.63 -13.80 15.27
N GLU A 140 -11.92 -12.84 14.67
CA GLU A 140 -12.53 -11.82 13.85
C GLU A 140 -12.24 -12.09 12.38
N PRO A 141 -13.20 -11.81 11.48
CA PRO A 141 -12.98 -12.15 10.07
C PRO A 141 -11.94 -11.23 9.45
N ALA A 142 -11.23 -11.76 8.46
CA ALA A 142 -10.21 -11.01 7.74
C ALA A 142 -10.57 -11.08 6.25
N VAL A 143 -11.53 -10.26 5.85
CA VAL A 143 -12.08 -10.29 4.50
C VAL A 143 -11.34 -9.28 3.64
N ASP A 144 -10.54 -9.77 2.70
CA ASP A 144 -9.85 -8.98 1.71
C ASP A 144 -10.44 -9.28 0.33
N GLY A 145 -9.81 -8.73 -0.71
CA GLY A 145 -10.25 -9.02 -2.07
C GLY A 145 -10.24 -10.51 -2.38
N ASN A 146 -9.22 -11.22 -1.88
CA ASN A 146 -9.16 -12.67 -2.08
C ASN A 146 -10.38 -13.35 -1.48
N VAL A 147 -10.66 -13.07 -0.21
CA VAL A 147 -11.80 -13.71 0.47
C VAL A 147 -13.09 -13.40 -0.27
N MET A 148 -13.32 -12.12 -0.57
CA MET A 148 -14.56 -11.73 -1.25
C MET A 148 -14.75 -12.54 -2.53
N ARG A 149 -13.70 -12.66 -3.34
CA ARG A 149 -13.79 -13.45 -4.56
C ARG A 149 -14.11 -14.91 -4.25
N VAL A 150 -13.39 -15.50 -3.29
CA VAL A 150 -13.62 -16.89 -2.93
C VAL A 150 -15.05 -17.08 -2.46
N LEU A 151 -15.47 -16.30 -1.45
CA LEU A 151 -16.80 -16.46 -0.89
C LEU A 151 -17.87 -16.18 -1.94
N SER A 152 -17.67 -15.17 -2.78
CA SER A 152 -18.65 -14.87 -3.82
C SER A 152 -18.90 -16.09 -4.69
N ARG A 153 -17.84 -16.85 -4.99
CA ARG A 153 -18.00 -18.06 -5.79
C ARG A 153 -18.52 -19.21 -4.95
N LEU A 154 -17.98 -19.39 -3.74
CA LEU A 154 -18.42 -20.48 -2.88
C LEU A 154 -19.93 -20.45 -2.67
N PHE A 155 -20.48 -19.29 -2.29
CA PHE A 155 -21.90 -19.15 -2.00
C PHE A 155 -22.67 -18.49 -3.13
N LEU A 156 -22.06 -18.29 -4.29
CA LEU A 156 -22.75 -17.74 -5.46
C LEU A 156 -23.39 -16.39 -5.13
N VAL A 157 -22.67 -15.55 -4.40
CA VAL A 157 -23.15 -14.22 -4.06
C VAL A 157 -22.83 -13.27 -5.21
N THR A 158 -23.87 -12.66 -5.78
CA THR A 158 -23.73 -11.80 -6.95
C THR A 158 -23.77 -10.32 -6.62
N ASP A 159 -23.78 -9.95 -5.34
CA ASP A 159 -23.77 -8.55 -4.96
C ASP A 159 -22.47 -7.90 -5.42
N ASP A 160 -22.55 -6.60 -5.72
CA ASP A 160 -21.38 -5.84 -6.13
C ASP A 160 -20.43 -5.72 -4.94
N ILE A 161 -19.25 -6.33 -5.05
CA ILE A 161 -18.29 -6.31 -3.95
C ILE A 161 -17.82 -4.89 -3.66
N ALA A 162 -17.94 -3.98 -4.63
CA ALA A 162 -17.55 -2.59 -4.41
C ALA A 162 -18.45 -1.88 -3.42
N LYS A 163 -19.52 -2.52 -2.97
CA LYS A 163 -20.41 -1.89 -2.01
C LYS A 163 -19.96 -2.20 -0.60
N PRO A 164 -19.81 -1.21 0.27
CA PRO A 164 -19.45 -1.53 1.66
C PRO A 164 -20.37 -2.55 2.30
N SER A 165 -21.65 -2.56 1.93
CA SER A 165 -22.60 -3.52 2.50
C SER A 165 -22.24 -4.94 2.09
N THR A 166 -21.81 -5.14 0.85
CA THR A 166 -21.43 -6.48 0.41
C THR A 166 -20.33 -7.05 1.30
N ARG A 167 -19.29 -6.24 1.57
CA ARG A 167 -18.23 -6.66 2.46
C ARG A 167 -18.79 -7.05 3.82
N LYS A 168 -19.66 -6.22 4.39
CA LYS A 168 -20.27 -6.53 5.68
C LYS A 168 -20.95 -7.89 5.66
N ARG A 169 -21.60 -8.22 4.55
CA ARG A 169 -22.24 -9.53 4.43
C ARG A 169 -21.19 -10.65 4.44
N PHE A 170 -20.13 -10.50 3.64
CA PHE A 170 -19.06 -11.49 3.63
C PHE A 170 -18.52 -11.73 5.03
N GLU A 171 -18.31 -10.66 5.80
CA GLU A 171 -17.86 -10.82 7.17
C GLU A 171 -18.83 -11.68 7.98
N GLN A 172 -20.14 -11.46 7.77
CA GLN A 172 -21.13 -12.28 8.46
C GLN A 172 -21.03 -13.74 8.02
N ILE A 173 -20.81 -13.98 6.72
CA ILE A 173 -20.63 -15.34 6.23
C ILE A 173 -19.46 -16.01 6.94
N VAL A 174 -18.29 -15.35 6.93
CA VAL A 174 -17.11 -15.91 7.59
C VAL A 174 -17.44 -16.31 9.02
N ARG A 175 -18.04 -15.38 9.77
CA ARG A 175 -18.46 -15.68 11.13
C ARG A 175 -19.27 -16.97 11.19
N GLU A 176 -20.21 -17.14 10.25
CA GLU A 176 -21.06 -18.32 10.26
C GLU A 176 -20.25 -19.60 10.07
N ILE A 177 -19.11 -19.54 9.38
CA ILE A 177 -18.36 -20.75 9.02
C ILE A 177 -16.94 -20.76 9.57
N MET A 178 -16.52 -19.70 10.25
CA MET A 178 -15.14 -19.63 10.73
C MET A 178 -14.83 -20.79 11.67
N ALA A 179 -13.60 -21.29 11.60
CA ALA A 179 -13.13 -22.33 12.51
C ALA A 179 -12.64 -21.66 13.79
N TYR A 180 -13.51 -21.58 14.79
CA TYR A 180 -13.20 -20.85 16.01
C TYR A 180 -12.09 -21.51 16.82
N GLU A 181 -11.81 -22.79 16.58
CA GLU A 181 -10.67 -23.42 17.24
C GLU A 181 -9.38 -22.69 16.87
N ASN A 182 -9.14 -22.47 15.58
CA ASN A 182 -7.94 -21.83 15.08
C ASN A 182 -8.34 -20.80 14.04
N PRO A 183 -8.75 -19.61 14.46
CA PRO A 183 -9.24 -18.62 13.48
C PRO A 183 -8.13 -18.06 12.62
N GLY A 184 -6.97 -17.78 13.20
CA GLY A 184 -5.83 -17.28 12.44
C GLY A 184 -5.51 -18.18 11.27
N ALA A 185 -5.26 -19.46 11.55
CA ALA A 185 -4.97 -20.40 10.48
C ALA A 185 -6.10 -20.45 9.45
N PHE A 186 -7.35 -20.38 9.92
CA PHE A 186 -8.47 -20.39 8.99
C PHE A 186 -8.47 -19.13 8.12
N ASN A 187 -8.33 -17.95 8.74
CA ASN A 187 -8.33 -16.71 7.98
C ASN A 187 -7.26 -16.72 6.90
N GLU A 188 -6.03 -17.08 7.27
CA GLU A 188 -4.95 -17.11 6.30
C GLU A 188 -5.23 -18.12 5.19
N ALA A 189 -5.89 -19.24 5.54
CA ALA A 189 -6.15 -20.27 4.54
C ALA A 189 -7.08 -19.76 3.45
N LEU A 190 -8.16 -19.09 3.83
CA LEU A 190 -9.06 -18.51 2.83
C LEU A 190 -8.30 -17.56 1.92
N ILE A 191 -7.48 -16.68 2.50
CA ILE A 191 -6.71 -15.74 1.70
C ILE A 191 -5.76 -16.50 0.76
N GLU A 192 -4.96 -17.40 1.32
CA GLU A 192 -4.05 -18.18 0.50
C GLU A 192 -4.80 -18.91 -0.62
N LEU A 193 -5.97 -19.46 -0.30
CA LEU A 193 -6.79 -20.11 -1.31
C LEU A 193 -7.03 -19.17 -2.49
N GLY A 194 -7.57 -17.99 -2.22
CA GLY A 194 -7.81 -17.04 -3.29
C GLY A 194 -6.55 -16.62 -4.02
N ALA A 195 -5.41 -16.62 -3.31
CA ALA A 195 -4.17 -16.20 -3.93
C ALA A 195 -3.60 -17.27 -4.85
N LEU A 196 -3.73 -18.55 -4.46
CA LEU A 196 -3.07 -19.63 -5.17
C LEU A 196 -4.00 -20.43 -6.08
N VAL A 197 -5.23 -20.70 -5.65
CA VAL A 197 -6.12 -21.60 -6.40
C VAL A 197 -7.26 -20.80 -7.04
N CYS A 198 -8.16 -20.27 -6.21
CA CYS A 198 -9.33 -19.55 -6.69
C CYS A 198 -8.90 -18.14 -7.14
N THR A 199 -8.21 -18.10 -8.27
CA THR A 199 -7.60 -16.88 -8.75
C THR A 199 -8.60 -16.01 -9.50
N PRO A 200 -8.28 -14.72 -9.69
CA PRO A 200 -9.18 -13.85 -10.47
C PRO A 200 -9.54 -14.42 -11.83
N ARG A 201 -8.58 -14.99 -12.53
CA ARG A 201 -8.81 -15.61 -13.83
C ARG A 201 -8.41 -17.08 -13.77
N ARG A 202 -9.17 -17.90 -14.51
CA ARG A 202 -8.88 -19.32 -14.65
C ARG A 202 -8.63 -19.98 -13.30
N PRO A 203 -9.58 -19.91 -12.36
CA PRO A 203 -9.40 -20.61 -11.08
C PRO A 203 -9.22 -22.10 -11.31
N SER A 204 -8.35 -22.72 -10.51
CA SER A 204 -8.09 -24.15 -10.62
C SER A 204 -9.07 -24.95 -9.78
N CYS A 205 -10.35 -24.78 -10.13
CA CYS A 205 -11.42 -25.45 -9.39
C CYS A 205 -11.19 -26.95 -9.31
N LEU A 206 -10.64 -27.54 -10.37
CA LEU A 206 -10.38 -28.97 -10.37
C LEU A 206 -9.44 -29.36 -9.24
N LEU A 207 -8.45 -28.52 -8.94
CA LEU A 207 -7.52 -28.77 -7.84
C LEU A 207 -8.00 -28.22 -6.51
N CYS A 208 -9.02 -27.36 -6.51
CA CYS A 208 -9.43 -26.70 -5.28
C CYS A 208 -9.85 -27.74 -4.23
N PRO A 209 -9.43 -27.56 -2.97
CA PRO A 209 -9.85 -28.50 -1.92
C PRO A 209 -11.31 -28.39 -1.52
N VAL A 210 -11.95 -27.23 -1.72
CA VAL A 210 -13.33 -27.05 -1.30
C VAL A 210 -14.25 -26.95 -2.51
N GLN A 211 -13.87 -27.61 -3.61
CA GLN A 211 -14.73 -27.65 -4.79
C GLN A 211 -16.11 -28.21 -4.46
N ALA A 212 -16.15 -29.29 -3.67
CA ALA A 212 -17.42 -29.94 -3.36
C ALA A 212 -18.45 -28.94 -2.83
N TYR A 213 -18.04 -28.01 -1.98
CA TYR A 213 -18.96 -27.06 -1.36
C TYR A 213 -19.20 -25.81 -2.20
N CYS A 214 -18.64 -25.71 -3.40
CA CYS A 214 -18.66 -24.46 -4.16
C CYS A 214 -19.88 -24.43 -5.09
N GLN A 215 -20.77 -23.47 -4.85
CA GLN A 215 -21.96 -23.35 -5.69
C GLN A 215 -21.64 -22.78 -7.08
N ALA A 216 -20.64 -21.92 -7.20
CA ALA A 216 -20.30 -21.39 -8.52
C ALA A 216 -19.76 -22.47 -9.45
N PHE A 217 -18.98 -23.42 -8.91
CA PHE A 217 -18.47 -24.49 -9.74
C PHE A 217 -19.60 -25.30 -10.37
N ALA A 218 -20.60 -25.66 -9.55
CA ALA A 218 -21.69 -26.50 -10.05
C ALA A 218 -22.38 -25.84 -11.25
N GLU A 219 -22.53 -24.51 -11.22
CA GLU A 219 -23.21 -23.80 -12.29
C GLU A 219 -22.27 -23.37 -13.42
N GLY A 220 -20.97 -23.55 -13.26
CA GLY A 220 -20.03 -23.19 -14.31
C GLY A 220 -19.91 -21.70 -14.55
N VAL A 221 -19.95 -20.91 -13.47
CA VAL A 221 -19.89 -19.45 -13.56
C VAL A 221 -18.74 -18.89 -12.73
N ALA A 222 -17.75 -19.72 -12.40
CA ALA A 222 -16.62 -19.27 -11.58
C ALA A 222 -15.97 -18.02 -12.18
N GLU A 223 -15.67 -18.06 -13.48
CA GLU A 223 -14.99 -16.94 -14.12
C GLU A 223 -15.78 -15.64 -13.99
N GLU A 224 -17.10 -15.73 -14.05
CA GLU A 224 -17.92 -14.52 -14.05
C GLU A 224 -18.00 -13.85 -12.69
N LEU A 225 -17.54 -14.51 -11.62
CA LEU A 225 -17.56 -13.95 -10.28
C LEU A 225 -16.15 -13.56 -9.84
N PRO A 226 -16.03 -12.59 -8.92
CA PRO A 226 -17.13 -11.84 -8.30
C PRO A 226 -17.64 -10.72 -9.20
N VAL A 227 -18.82 -10.19 -8.90
CA VAL A 227 -19.37 -9.07 -9.65
C VAL A 227 -18.85 -7.77 -9.07
N LYS A 228 -18.41 -6.88 -9.94
CA LYS A 228 -17.71 -5.67 -9.53
C LYS A 228 -17.82 -4.64 -10.64
N MET A 229 -18.28 -3.44 -10.30
CA MET A 229 -18.50 -2.42 -11.31
C MET A 229 -17.18 -2.06 -11.99
N LYS A 230 -17.25 -1.83 -13.30
CA LYS A 230 -16.06 -1.51 -14.06
C LYS A 230 -15.44 -0.20 -13.59
N LYS A 231 -14.12 -0.17 -13.52
CA LYS A 231 -13.41 1.07 -13.24
C LYS A 231 -13.62 2.07 -14.37
N THR A 232 -13.88 3.31 -14.01
CA THR A 232 -14.14 4.37 -14.98
C THR A 232 -12.84 5.01 -15.44
N ALA A 233 -12.93 5.78 -16.53
CA ALA A 233 -11.80 6.58 -16.96
C ALA A 233 -11.59 7.72 -15.96
N VAL A 234 -10.37 8.24 -15.93
CA VAL A 234 -9.94 9.09 -14.82
C VAL A 234 -9.19 10.31 -15.32
N LYS A 235 -9.32 11.40 -14.57
CA LYS A 235 -8.83 12.72 -14.97
C LYS A 235 -7.35 12.69 -15.33
N GLN A 236 -6.98 13.47 -16.33
CA GLN A 236 -5.60 13.67 -16.73
C GLN A 236 -5.14 15.06 -16.29
N VAL A 237 -3.87 15.17 -15.91
CA VAL A 237 -3.35 16.39 -15.29
C VAL A 237 -1.91 16.64 -15.75
N PRO A 238 -1.67 17.56 -16.68
CA PRO A 238 -0.29 17.89 -17.04
C PRO A 238 0.44 18.52 -15.86
N LEU A 239 1.74 18.19 -15.74
CA LEU A 239 2.57 18.71 -14.66
C LEU A 239 3.87 19.24 -15.25
N ALA A 240 4.31 20.38 -14.72
CA ALA A 240 5.58 21.01 -15.13
C ALA A 240 6.55 20.91 -13.96
N VAL A 241 7.64 20.17 -14.18
CA VAL A 241 8.67 19.94 -13.16
C VAL A 241 9.98 20.54 -13.66
N ALA A 242 10.79 21.07 -12.74
CA ALA A 242 12.05 21.70 -13.10
C ALA A 242 13.15 21.24 -12.15
N VAL A 243 14.32 20.91 -12.70
CA VAL A 243 15.48 20.49 -11.93
C VAL A 243 16.47 21.65 -11.93
N LEU A 244 16.44 22.48 -10.88
CA LEU A 244 17.33 23.62 -10.75
C LEU A 244 18.59 23.20 -10.01
N ALA A 245 19.73 23.20 -10.70
CA ALA A 245 21.04 22.92 -10.13
C ALA A 245 21.86 24.20 -10.06
N ASP A 246 22.52 24.45 -8.92
CA ASP A 246 23.37 25.60 -8.79
C ASP A 246 24.77 25.28 -9.33
N ASP A 247 25.66 26.27 -9.30
CA ASP A 247 27.00 26.07 -9.82
C ASP A 247 27.72 24.93 -9.12
N GLU A 248 27.59 24.86 -7.79
CA GLU A 248 28.29 23.85 -7.01
C GLU A 248 27.73 22.44 -7.20
N GLY A 249 26.59 22.29 -7.89
CA GLY A 249 25.99 21.00 -8.12
C GLY A 249 24.78 20.69 -7.28
N ARG A 250 24.52 21.48 -6.24
CA ARG A 250 23.37 21.22 -5.38
C ARG A 250 22.07 21.48 -6.13
N VAL A 251 21.05 20.69 -5.80
CA VAL A 251 19.75 20.76 -6.45
C VAL A 251 18.70 21.11 -5.39
N LEU A 252 17.70 21.87 -5.81
CA LEU A 252 16.64 22.32 -4.93
C LEU A 252 15.47 21.35 -5.00
N ILE A 253 14.93 20.99 -3.83
CA ILE A 253 13.77 20.12 -3.71
C ILE A 253 12.82 20.75 -2.70
N ARG A 254 11.67 20.11 -2.49
CA ARG A 254 10.70 20.63 -1.54
C ARG A 254 9.78 19.52 -1.06
N LYS A 255 9.45 19.54 0.23
CA LYS A 255 8.61 18.54 0.87
C LYS A 255 7.15 18.93 0.75
N ARG A 256 6.36 18.08 0.09
CA ARG A 256 4.93 18.35 -0.04
C ARG A 256 4.25 18.32 1.33
N ASP A 257 3.18 19.10 1.45
CA ASP A 257 2.47 19.20 2.71
C ASP A 257 1.84 17.86 3.09
N SER A 258 1.46 17.75 4.37
CA SER A 258 0.93 16.52 4.93
C SER A 258 -0.50 16.21 4.51
N THR A 259 -1.15 17.10 3.77
CA THR A 259 -2.56 16.95 3.41
C THR A 259 -2.67 16.74 1.90
N GLY A 260 -3.01 15.52 1.50
CA GLY A 260 -3.35 15.24 0.12
C GLY A 260 -2.38 14.31 -0.58
N LEU A 261 -2.37 14.41 -1.90
CA LEU A 261 -1.53 13.58 -2.75
C LEU A 261 -0.08 13.58 -2.29
N LEU A 262 0.51 12.39 -2.19
CA LEU A 262 1.93 12.23 -1.89
C LEU A 262 2.35 13.07 -0.69
N ALA A 263 1.54 13.01 0.37
CA ALA A 263 1.77 13.84 1.54
C ALA A 263 3.16 13.57 2.14
N ASN A 264 3.88 14.65 2.44
CA ASN A 264 5.16 14.64 3.15
C ASN A 264 6.29 14.02 2.34
N LEU A 265 6.08 13.72 1.07
CA LEU A 265 7.17 13.26 0.22
C LEU A 265 7.87 14.44 -0.43
N TRP A 266 9.17 14.27 -0.67
CA TRP A 266 9.96 15.28 -1.36
C TRP A 266 9.77 15.16 -2.86
N GLU A 267 10.06 16.26 -3.56
CA GLU A 267 9.85 16.32 -5.00
C GLU A 267 10.69 17.45 -5.59
N PHE A 268 10.74 17.49 -6.90
CA PHE A 268 11.31 18.63 -7.60
C PHE A 268 10.23 19.68 -7.80
N PRO A 269 10.51 20.98 -7.55
CA PRO A 269 9.45 22.00 -7.59
C PRO A 269 8.59 21.90 -8.84
N SER A 270 7.32 21.55 -8.67
CA SER A 270 6.40 21.39 -9.79
C SER A 270 5.18 22.30 -9.62
N CYS A 271 4.46 22.44 -10.73
CA CYS A 271 3.21 23.20 -10.79
CA CYS A 271 3.19 23.16 -10.76
C CYS A 271 2.32 22.55 -11.84
N GLU A 272 1.02 22.51 -11.59
CA GLU A 272 0.10 21.93 -12.58
C GLU A 272 -0.02 22.85 -13.78
N THR A 273 0.25 22.31 -14.98
CA THR A 273 0.15 23.08 -16.22
C THR A 273 -1.28 22.91 -16.74
N ASP A 274 -2.20 23.62 -16.11
CA ASP A 274 -3.62 23.55 -16.47
C ASP A 274 -3.82 23.86 -17.95
N ASP A 277 0.47 26.94 -20.29
CA ASP A 277 1.41 28.06 -20.24
C ASP A 277 2.86 27.60 -19.97
N GLY A 278 3.02 26.35 -19.54
CA GLY A 278 4.36 25.77 -19.46
C GLY A 278 5.33 26.49 -18.53
N LYS A 279 6.57 26.62 -19.00
CA LYS A 279 7.70 27.15 -18.24
C LYS A 279 7.39 28.42 -17.45
N GLU A 280 6.79 29.43 -18.10
CA GLU A 280 6.53 30.70 -17.43
C GLU A 280 5.90 30.46 -16.06
N LYS A 281 4.98 29.49 -15.98
CA LYS A 281 4.33 29.20 -14.71
C LYS A 281 5.33 28.74 -13.66
N LEU A 282 6.22 27.82 -14.02
CA LEU A 282 7.28 27.43 -13.10
C LEU A 282 8.13 28.63 -12.73
N GLU A 283 8.66 29.31 -13.75
CA GLU A 283 9.42 30.54 -13.56
C GLU A 283 8.71 31.47 -12.59
N GLN A 284 7.45 31.81 -12.89
CA GLN A 284 6.70 32.72 -12.04
C GLN A 284 6.50 32.12 -10.65
N MET A 285 6.09 30.86 -10.58
CA MET A 285 5.72 30.27 -9.30
C MET A 285 6.80 30.54 -8.26
N VAL A 286 8.00 30.03 -8.52
CA VAL A 286 9.12 30.20 -7.60
C VAL A 286 9.39 31.67 -7.28
N GLY A 287 8.89 32.60 -8.11
CA GLY A 287 8.91 34.00 -7.77
C GLY A 287 8.32 34.26 -6.38
N LEU A 292 13.96 33.73 -5.56
CA LEU A 292 15.06 32.97 -6.15
C LEU A 292 15.27 33.36 -7.61
N GLN A 293 16.53 33.62 -7.97
CA GLN A 293 16.87 34.04 -9.32
C GLN A 293 17.13 32.79 -10.15
N VAL A 294 16.10 32.29 -10.82
CA VAL A 294 16.20 31.06 -11.58
C VAL A 294 15.78 31.29 -13.02
N GLU A 295 16.49 30.62 -13.92
CA GLU A 295 16.23 30.65 -15.35
C GLU A 295 15.90 29.23 -15.81
N LEU A 296 14.81 29.09 -16.54
CA LEU A 296 14.35 27.79 -17.02
C LEU A 296 14.58 27.67 -18.53
N THR A 297 14.92 26.47 -18.97
CA THR A 297 15.33 26.20 -20.35
C THR A 297 14.38 25.17 -21.00
N GLU A 298 14.72 24.81 -22.24
CA GLU A 298 13.94 23.88 -23.04
C GLU A 298 13.54 22.64 -22.25
N PRO A 299 12.31 22.14 -22.40
CA PRO A 299 11.94 20.87 -21.73
C PRO A 299 12.60 19.68 -22.42
N ILE A 300 13.28 18.86 -21.63
CA ILE A 300 14.12 17.81 -22.22
C ILE A 300 13.31 16.56 -22.57
N VAL A 301 12.24 16.24 -21.84
CA VAL A 301 11.54 14.99 -22.04
C VAL A 301 10.12 15.11 -21.48
N SER A 302 9.22 14.26 -21.96
CA SER A 302 7.83 14.22 -21.51
C SER A 302 7.40 12.76 -21.38
N PHE A 303 6.55 12.48 -20.39
CA PHE A 303 6.11 11.11 -20.15
C PHE A 303 4.90 11.12 -19.22
N GLU A 304 4.32 9.94 -19.03
CA GLU A 304 3.17 9.74 -18.17
C GLU A 304 3.55 8.94 -16.94
N HIS A 305 2.74 9.10 -15.89
CA HIS A 305 2.87 8.32 -14.65
C HIS A 305 1.48 8.27 -14.03
N ALA A 306 0.96 7.06 -13.83
CA ALA A 306 -0.44 6.90 -13.46
C ALA A 306 -0.62 6.74 -11.96
N PHE A 307 -1.82 7.09 -11.51
CA PHE A 307 -2.32 6.84 -10.18
C PHE A 307 -3.58 5.99 -10.32
N SER A 308 -4.16 5.58 -9.19
CA SER A 308 -5.43 4.88 -9.25
C SER A 308 -6.58 5.81 -9.54
N HIS A 309 -6.42 7.11 -9.28
CA HIS A 309 -7.50 8.07 -9.42
C HIS A 309 -7.15 9.26 -10.32
N LEU A 310 -5.98 9.28 -10.95
CA LEU A 310 -5.63 10.33 -11.90
C LEU A 310 -4.37 9.89 -12.64
N VAL A 311 -3.99 10.69 -13.64
CA VAL A 311 -2.80 10.41 -14.45
C VAL A 311 -2.04 11.70 -14.66
N TRP A 312 -0.75 11.68 -14.32
CA TRP A 312 0.14 12.82 -14.54
C TRP A 312 0.85 12.67 -15.88
N GLN A 313 0.95 13.78 -16.61
CA GLN A 313 1.76 13.86 -17.82
C GLN A 313 2.83 14.92 -17.55
N LEU A 314 4.06 14.46 -17.31
CA LEU A 314 5.12 15.33 -16.82
C LEU A 314 5.92 15.95 -17.96
N THR A 315 6.57 17.07 -17.63
CA THR A 315 7.47 17.77 -18.54
C THR A 315 8.60 18.34 -17.69
N VAL A 316 9.84 17.99 -18.02
CA VAL A 316 11.00 18.33 -17.20
C VAL A 316 11.76 19.47 -17.87
N PHE A 317 12.03 20.53 -17.10
CA PHE A 317 12.73 21.73 -17.56
C PHE A 317 14.03 21.88 -16.77
N PRO A 318 15.21 21.66 -17.34
CA PRO A 318 16.42 21.97 -16.59
C PRO A 318 16.54 23.46 -16.36
N GLY A 319 17.05 23.83 -15.18
CA GLY A 319 17.30 25.23 -14.88
C GLY A 319 18.58 25.35 -14.06
N ARG A 320 19.14 26.56 -14.07
CA ARG A 320 20.37 26.88 -13.35
C ARG A 320 20.01 27.78 -12.18
N LEU A 321 20.31 27.33 -10.96
CA LEU A 321 19.97 28.07 -9.75
C LEU A 321 21.04 29.09 -9.39
N VAL A 322 20.64 30.35 -9.17
CA VAL A 322 21.55 31.37 -8.67
C VAL A 322 21.06 31.85 -7.29
N HIS A 323 22.01 31.90 -6.35
CA HIS A 323 21.72 32.13 -4.93
C HIS A 323 21.74 33.62 -4.62
N GLY A 324 20.57 34.20 -4.35
CA GLY A 324 20.50 35.56 -3.88
C GLY A 324 19.90 35.64 -2.49
N GLY A 325 19.41 34.52 -1.97
CA GLY A 325 18.88 34.50 -0.62
C GLY A 325 18.99 33.14 0.03
N PRO A 326 18.41 33.01 1.22
CA PRO A 326 18.45 31.73 1.94
C PRO A 326 17.42 30.76 1.38
N VAL A 327 17.48 29.53 1.90
CA VAL A 327 16.55 28.47 1.54
C VAL A 327 15.49 28.40 2.63
N GLU A 328 14.24 28.66 2.27
CA GLU A 328 13.15 28.74 3.22
C GLU A 328 12.27 27.50 3.11
N GLU A 329 11.81 27.00 4.26
CA GLU A 329 10.93 25.86 4.27
C GLU A 329 9.66 26.18 3.47
N PRO A 330 9.08 25.20 2.77
CA PRO A 330 9.34 23.75 2.65
C PRO A 330 10.63 23.39 1.89
N TYR A 331 10.97 24.22 0.91
CA TYR A 331 12.16 24.00 0.08
C TYR A 331 13.39 23.73 0.94
N ARG A 332 14.24 22.82 0.45
CA ARG A 332 15.56 22.57 1.03
C ARG A 332 16.54 22.31 -0.11
N LEU A 333 17.79 22.71 0.11
CA LEU A 333 18.84 22.59 -0.89
C LEU A 333 19.69 21.36 -0.59
N ALA A 334 19.82 20.47 -1.58
CA ALA A 334 20.47 19.18 -1.37
C ALA A 334 21.53 18.92 -2.43
N PRO A 335 22.73 18.50 -2.04
CA PRO A 335 23.69 18.03 -3.03
C PRO A 335 23.21 16.76 -3.72
N GLU A 336 23.66 16.56 -4.96
CA GLU A 336 23.32 15.34 -5.68
C GLU A 336 23.66 14.10 -4.88
N ASP A 337 24.78 14.14 -4.14
CA ASP A 337 25.18 12.98 -3.35
C ASP A 337 24.17 12.66 -2.25
N GLU A 338 23.50 13.69 -1.71
CA GLU A 338 22.59 13.50 -0.58
C GLU A 338 21.14 13.33 -1.00
N LEU A 339 20.85 13.26 -2.30
CA LEU A 339 19.47 13.01 -2.72
C LEU A 339 19.00 11.63 -2.29
N LYS A 340 19.92 10.68 -2.14
CA LYS A 340 19.55 9.33 -1.70
C LYS A 340 18.74 9.39 -0.41
N ALA A 341 19.12 10.29 0.50
CA ALA A 341 18.49 10.37 1.80
C ALA A 341 17.01 10.75 1.76
N TYR A 342 16.53 11.38 0.68
CA TYR A 342 15.14 11.81 0.65
C TYR A 342 14.26 10.82 -0.07
N ALA A 343 13.05 10.66 0.44
CA ALA A 343 12.05 9.78 -0.12
C ALA A 343 11.27 10.54 -1.18
N PHE A 344 11.44 10.14 -2.47
CA PHE A 344 10.70 10.71 -3.59
C PHE A 344 9.63 9.74 -4.06
N PRO A 345 8.55 10.22 -4.68
CA PRO A 345 7.65 9.32 -5.37
C PRO A 345 8.24 8.88 -6.71
N VAL A 346 7.67 7.80 -7.25
CA VAL A 346 8.26 7.15 -8.42
C VAL A 346 8.22 8.08 -9.63
N SER A 347 7.16 8.88 -9.75
CA SER A 347 7.10 9.86 -10.84
C SER A 347 8.36 10.70 -10.89
N HIS A 348 8.71 11.33 -9.76
CA HIS A 348 9.85 12.23 -9.73
C HIS A 348 11.18 11.47 -9.74
N GLN A 349 11.21 10.24 -9.24
CA GLN A 349 12.42 9.44 -9.39
C GLN A 349 12.79 9.29 -10.86
N ARG A 350 11.79 9.10 -11.72
CA ARG A 350 12.07 9.02 -13.15
C ARG A 350 12.50 10.37 -13.71
N VAL A 351 11.87 11.46 -13.24
CA VAL A 351 12.29 12.80 -13.65
C VAL A 351 13.80 12.93 -13.53
N TRP A 352 14.34 12.55 -12.39
CA TRP A 352 15.78 12.67 -12.16
C TRP A 352 16.57 11.75 -13.07
N ARG A 353 16.12 10.50 -13.25
CA ARG A 353 16.84 9.58 -14.11
C ARG A 353 16.94 10.11 -15.54
N GLU A 354 15.80 10.58 -16.08
CA GLU A 354 15.82 11.16 -17.42
C GLU A 354 16.78 12.33 -17.48
N TYR A 355 16.80 13.17 -16.43
CA TYR A 355 17.74 14.28 -16.37
C TYR A 355 19.18 13.79 -16.44
N LYS A 356 19.51 12.77 -15.64
CA LYS A 356 20.87 12.23 -15.66
C LYS A 356 21.25 11.73 -17.05
N GLU A 357 20.41 10.89 -17.65
CA GLU A 357 20.72 10.36 -18.97
C GLU A 357 20.87 11.50 -19.99
N TRP A 358 20.00 12.50 -19.91
CA TRP A 358 20.11 13.65 -20.81
C TRP A 358 21.46 14.31 -20.70
N ALA A 359 21.93 14.55 -19.46
CA ALA A 359 23.22 15.19 -19.23
C ALA A 359 24.34 14.16 -19.42
N SER A 360 24.53 13.80 -20.69
CA SER A 360 25.57 12.84 -21.05
C SER A 360 26.11 13.15 -22.45
#